data_3AV8
#
_entry.id   3AV8
#
_cell.length_a   92.027
_cell.length_b   92.027
_cell.length_c   46.286
_cell.angle_alpha   90.00
_cell.angle_beta   90.00
_cell.angle_gamma   90.00
#
_symmetry.space_group_name_H-M   'P 41'
#
loop_
_entity.id
_entity.type
_entity.pdbx_description
1 polymer Ferredoxin-1
2 non-polymer 'FE2/S2 (INORGANIC) CLUSTER'
3 non-polymer 'SULFATE ION'
4 water water
#
_entity_poly.entity_id   1
_entity_poly.type   'polypeptide(L)'
_entity_poly.pdbx_seq_one_letter_code
;ASYKVTLKTPDGDNVITVPDDEYILDVAEEQGLDLPYSCRAGACSTCAGKLVSGPAPDQSDQSFLDDDQIQAGYILTCVA
YPTGDCVIETHKEEALY
;
_entity_poly.pdbx_strand_id   A,B,C,D
#
# COMPACT_ATOMS: atom_id res chain seq x y z
N ALA A 1 -11.57 -17.37 -16.50
CA ALA A 1 -10.13 -17.40 -16.14
C ALA A 1 -9.91 -16.18 -15.33
N SER A 2 -8.87 -16.23 -14.53
CA SER A 2 -8.55 -15.03 -13.78
C SER A 2 -7.07 -14.84 -13.84
N TYR A 3 -6.63 -13.61 -13.56
CA TYR A 3 -5.22 -13.21 -13.64
C TYR A 3 -4.78 -12.38 -12.47
N LYS A 4 -3.51 -12.52 -12.10
CA LYS A 4 -2.96 -11.72 -11.08
C LYS A 4 -2.54 -10.38 -11.69
N VAL A 5 -3.16 -9.29 -11.23
CA VAL A 5 -2.86 -7.94 -11.72
C VAL A 5 -2.22 -7.18 -10.58
N THR A 6 -0.95 -6.77 -10.76
CA THR A 6 -0.29 -5.99 -9.77
C THR A 6 -0.52 -4.53 -10.09
N LEU A 7 -1.19 -3.77 -9.23
CA LEU A 7 -1.39 -2.33 -9.51
C LEU A 7 -0.32 -1.57 -8.64
N LYS A 8 0.54 -0.80 -9.31
CA LYS A 8 1.60 -0.03 -8.61
C LYS A 8 1.02 1.37 -8.50
N THR A 9 0.53 1.70 -7.30
CA THR A 9 -0.09 3.01 -7.08
C THR A 9 0.93 3.99 -6.41
N PRO A 10 0.64 5.29 -6.48
CA PRO A 10 1.62 6.21 -5.86
C PRO A 10 1.87 5.81 -4.40
N ASP A 11 0.88 5.19 -3.80
CA ASP A 11 0.97 4.78 -2.40
C ASP A 11 1.67 3.44 -2.13
N GLY A 12 1.55 2.48 -3.04
CA GLY A 12 2.16 1.17 -2.86
C GLY A 12 1.64 0.19 -3.91
N ASP A 13 2.24 -0.99 -3.95
CA ASP A 13 1.86 -2.08 -4.86
C ASP A 13 0.84 -2.99 -4.31
N ASN A 14 -0.17 -3.31 -5.12
CA ASN A 14 -1.20 -4.24 -4.67
C ASN A 14 -1.49 -5.34 -5.66
N VAL A 15 -1.33 -6.56 -5.24
CA VAL A 15 -1.61 -7.71 -6.10
C VAL A 15 -3.06 -8.12 -5.85
N ILE A 16 -3.86 -8.06 -6.90
CA ILE A 16 -5.24 -8.53 -6.79
C ILE A 16 -5.55 -9.56 -7.89
N THR A 17 -6.68 -10.24 -7.80
CA THR A 17 -7.09 -11.26 -8.79
C THR A 17 -8.22 -10.68 -9.56
N VAL A 18 -8.05 -10.57 -10.87
CA VAL A 18 -9.10 -10.05 -11.67
C VAL A 18 -9.59 -11.07 -12.70
N PRO A 19 -10.90 -11.38 -12.77
CA PRO A 19 -11.42 -12.32 -13.77
C PRO A 19 -11.28 -11.73 -15.17
N ASP A 20 -11.22 -12.59 -16.21
CA ASP A 20 -11.11 -12.06 -17.58
C ASP A 20 -12.30 -11.27 -18.13
N ASP A 21 -13.46 -11.31 -17.42
CA ASP A 21 -14.65 -10.61 -17.89
C ASP A 21 -15.11 -9.47 -17.01
N GLU A 22 -14.20 -8.96 -16.20
CA GLU A 22 -14.49 -7.76 -15.34
C GLU A 22 -13.39 -6.71 -15.61
N TYR A 23 -13.78 -5.46 -15.53
CA TYR A 23 -12.84 -4.36 -15.74
C TYR A 23 -11.92 -4.20 -14.62
N ILE A 24 -10.67 -3.78 -14.90
CA ILE A 24 -9.72 -3.65 -13.87
C ILE A 24 -10.08 -2.62 -12.79
N LEU A 25 -10.63 -1.46 -13.22
CA LEU A 25 -10.96 -0.45 -12.19
C LEU A 25 -12.04 -1.04 -11.23
N ASP A 26 -13.06 -1.68 -11.86
CA ASP A 26 -14.20 -2.21 -11.06
C ASP A 26 -13.69 -3.14 -9.99
N VAL A 27 -12.83 -4.10 -10.37
CA VAL A 27 -12.34 -5.05 -9.45
C VAL A 27 -11.42 -4.47 -8.45
N ALA A 28 -10.59 -3.47 -8.86
CA ALA A 28 -9.77 -2.84 -7.86
C ALA A 28 -10.56 -2.12 -6.70
N GLU A 29 -11.59 -1.44 -7.14
CA GLU A 29 -12.42 -0.71 -6.15
C GLU A 29 -13.07 -1.76 -5.18
N GLU A 30 -13.53 -2.92 -5.69
CA GLU A 30 -14.14 -3.99 -4.87
C GLU A 30 -13.12 -4.40 -3.83
N GLN A 31 -11.82 -4.29 -4.13
CA GLN A 31 -10.76 -4.70 -3.20
C GLN A 31 -10.25 -3.59 -2.29
N GLY A 32 -10.91 -2.44 -2.31
CA GLY A 32 -10.60 -1.33 -1.45
C GLY A 32 -9.59 -0.38 -1.97
N LEU A 33 -9.30 -0.43 -3.27
CA LEU A 33 -8.28 0.52 -3.82
C LEU A 33 -9.02 1.75 -4.33
N ASP A 34 -8.34 2.91 -4.33
CA ASP A 34 -8.99 4.16 -4.76
C ASP A 34 -8.18 4.58 -5.95
N LEU A 35 -8.75 4.41 -7.12
CA LEU A 35 -8.04 4.79 -8.37
C LEU A 35 -8.84 5.91 -9.01
N PRO A 36 -8.19 6.76 -9.80
CA PRO A 36 -8.89 7.86 -10.45
C PRO A 36 -9.84 7.47 -11.55
N TYR A 37 -10.90 8.28 -11.73
CA TYR A 37 -11.82 8.07 -12.79
C TYR A 37 -12.81 9.27 -12.87
N SER A 38 -13.41 9.42 -14.03
CA SER A 38 -14.47 10.37 -14.18
C SER A 38 -15.52 9.74 -15.11
N CYS A 39 -15.39 9.75 -16.42
CA CYS A 39 -16.42 9.27 -17.30
C CYS A 39 -16.78 7.77 -17.19
N ARG A 40 -15.80 6.93 -16.85
CA ARG A 40 -15.92 5.47 -16.80
C ARG A 40 -16.48 4.91 -18.10
N ALA A 41 -16.14 5.52 -19.23
CA ALA A 41 -16.68 5.10 -20.54
C ALA A 41 -15.59 5.09 -21.64
N GLY A 42 -14.33 5.13 -21.16
CA GLY A 42 -13.25 5.06 -22.15
C GLY A 42 -13.09 6.28 -23.00
N ALA A 43 -13.62 7.42 -22.54
CA ALA A 43 -13.55 8.59 -23.38
C ALA A 43 -12.82 9.78 -22.84
N CYS A 44 -11.91 9.53 -21.91
CA CYS A 44 -11.14 10.58 -21.31
C CYS A 44 -9.82 9.95 -20.83
N SER A 45 -9.04 10.70 -20.12
CA SER A 45 -7.77 10.12 -19.70
C SER A 45 -7.66 9.99 -18.22
N THR A 46 -8.75 10.25 -17.49
CA THR A 46 -8.61 10.32 -16.04
C THR A 46 -8.12 9.03 -15.30
N CYS A 47 -8.60 7.89 -15.80
CA CYS A 47 -8.26 6.57 -15.28
C CYS A 47 -7.01 5.99 -15.91
N ALA A 48 -6.21 6.79 -16.62
CA ALA A 48 -5.05 6.18 -17.32
C ALA A 48 -4.10 5.53 -16.44
N GLY A 49 -3.60 4.39 -16.94
CA GLY A 49 -2.50 3.69 -16.27
C GLY A 49 -1.47 3.36 -17.41
N LYS A 50 -0.38 2.68 -17.01
CA LYS A 50 0.61 2.27 -18.00
C LYS A 50 1.13 0.85 -17.68
N LEU A 51 1.13 0.05 -18.73
CA LEU A 51 1.53 -1.37 -18.66
C LEU A 51 3.04 -1.43 -18.39
N VAL A 52 3.41 -2.19 -17.40
CA VAL A 52 4.83 -2.38 -16.98
C VAL A 52 5.28 -3.74 -17.51
N SER A 53 4.44 -4.76 -17.36
CA SER A 53 4.78 -6.11 -17.89
C SER A 53 3.56 -6.95 -18.06
N GLY A 54 3.65 -8.01 -18.80
CA GLY A 54 2.50 -8.86 -19.06
C GLY A 54 1.83 -8.52 -20.33
N PRO A 55 0.92 -9.35 -20.76
CA PRO A 55 0.21 -9.04 -22.02
C PRO A 55 -0.68 -7.81 -21.95
N ALA A 56 -0.91 -7.19 -23.09
CA ALA A 56 -1.75 -6.03 -23.06
C ALA A 56 -3.23 -6.33 -22.70
N PRO A 57 -3.83 -5.50 -21.83
CA PRO A 57 -5.23 -5.69 -21.50
C PRO A 57 -6.05 -5.45 -22.76
N ASP A 58 -7.24 -6.05 -22.79
CA ASP A 58 -8.22 -5.84 -23.89
C ASP A 58 -8.84 -4.48 -23.66
N GLN A 59 -8.64 -3.64 -24.68
CA GLN A 59 -9.10 -2.24 -24.75
C GLN A 59 -10.07 -2.03 -25.92
N SER A 60 -10.70 -3.08 -26.37
CA SER A 60 -11.60 -2.97 -27.46
C SER A 60 -12.69 -1.92 -27.11
N ASP A 61 -12.91 -1.65 -25.82
CA ASP A 61 -13.96 -0.69 -25.45
C ASP A 61 -13.47 0.71 -25.25
N GLN A 62 -12.19 1.03 -25.42
CA GLN A 62 -11.68 2.37 -25.20
C GLN A 62 -11.71 3.20 -26.49
N SER A 63 -11.71 4.52 -26.38
CA SER A 63 -11.73 5.34 -27.59
C SER A 63 -10.82 6.57 -27.49
N PHE A 64 -10.63 7.09 -26.27
CA PHE A 64 -9.81 8.26 -26.11
C PHE A 64 -8.33 8.19 -26.46
N LEU A 65 -7.61 7.15 -26.06
CA LEU A 65 -6.21 7.15 -26.38
C LEU A 65 -6.06 6.96 -27.91
N ASP A 66 -5.04 7.61 -28.44
CA ASP A 66 -4.84 7.42 -29.86
C ASP A 66 -4.06 6.12 -30.04
N ASP A 67 -4.27 5.52 -31.20
CA ASP A 67 -3.67 4.26 -31.59
C ASP A 67 -2.22 4.22 -31.17
N ASP A 68 -1.61 5.40 -31.21
CA ASP A 68 -0.21 5.61 -30.86
C ASP A 68 -0.03 5.31 -29.41
N GLN A 69 -0.95 5.81 -28.58
CA GLN A 69 -0.82 5.63 -27.15
C GLN A 69 -1.11 4.20 -26.70
N ILE A 70 -2.01 3.49 -27.41
CA ILE A 70 -2.34 2.13 -27.01
C ILE A 70 -1.08 1.41 -27.29
N GLN A 71 -0.47 1.87 -28.36
CA GLN A 71 0.80 1.42 -28.83
C GLN A 71 1.88 1.25 -27.75
N ALA A 72 2.11 2.38 -27.14
CA ALA A 72 3.04 2.63 -26.06
C ALA A 72 2.73 2.12 -24.61
N GLY A 73 1.62 1.43 -24.48
CA GLY A 73 1.23 0.85 -23.20
C GLY A 73 0.26 1.61 -22.29
N TYR A 74 -0.26 2.77 -22.70
CA TYR A 74 -1.24 3.46 -21.85
C TYR A 74 -2.53 2.69 -21.97
N ILE A 75 -3.20 2.70 -20.81
CA ILE A 75 -4.45 1.91 -20.61
C ILE A 75 -5.49 2.77 -19.89
N LEU A 76 -6.70 2.66 -20.40
CA LEU A 76 -7.86 3.29 -19.72
C LEU A 76 -8.44 2.12 -18.86
N THR A 77 -8.08 2.25 -17.59
CA THR A 77 -8.44 1.20 -16.64
C THR A 77 -9.92 1.01 -16.42
N CYS A 78 -10.73 2.05 -16.68
CA CYS A 78 -12.14 1.83 -16.43
C CYS A 78 -12.81 0.84 -17.40
N VAL A 79 -12.23 0.59 -18.58
CA VAL A 79 -12.89 -0.25 -19.53
C VAL A 79 -11.84 -1.33 -20.02
N ALA A 80 -10.85 -1.59 -19.26
CA ALA A 80 -9.81 -2.58 -19.60
C ALA A 80 -10.01 -3.96 -18.91
N TYR A 81 -10.01 -5.01 -19.74
CA TYR A 81 -10.09 -6.36 -19.13
C TYR A 81 -8.67 -6.98 -19.13
N PRO A 82 -8.23 -7.66 -18.12
CA PRO A 82 -6.90 -8.28 -18.15
C PRO A 82 -6.97 -9.46 -19.13
N THR A 83 -5.81 -9.69 -19.78
CA THR A 83 -5.73 -10.88 -20.65
C THR A 83 -4.59 -11.83 -20.26
N GLY A 84 -3.88 -11.52 -19.19
CA GLY A 84 -2.84 -12.38 -18.63
C GLY A 84 -2.36 -11.76 -17.31
N ASP A 85 -1.52 -12.42 -16.56
CA ASP A 85 -0.92 -11.82 -15.34
C ASP A 85 -0.17 -10.59 -15.84
N CYS A 86 -0.29 -9.48 -15.14
CA CYS A 86 0.35 -8.29 -15.62
C CYS A 86 0.55 -7.27 -14.50
N VAL A 87 1.40 -6.28 -14.76
CA VAL A 87 1.71 -5.26 -13.79
C VAL A 87 1.42 -3.92 -14.45
N ILE A 88 0.60 -3.08 -13.77
CA ILE A 88 0.20 -1.81 -14.33
C ILE A 88 0.44 -0.70 -13.40
N GLU A 89 1.04 0.42 -13.86
CA GLU A 89 1.24 1.60 -12.96
C GLU A 89 -0.03 2.50 -13.09
N THR A 90 -0.63 2.83 -11.91
CA THR A 90 -1.85 3.67 -12.02
C THR A 90 -1.52 5.17 -11.93
N HIS A 91 -2.55 5.98 -12.07
CA HIS A 91 -2.40 7.43 -11.90
C HIS A 91 -1.42 8.02 -12.88
N LYS A 92 -1.53 7.66 -14.13
CA LYS A 92 -0.63 8.13 -15.11
C LYS A 92 -1.15 9.16 -16.06
N GLU A 93 -2.30 9.78 -15.76
CA GLU A 93 -2.84 10.77 -16.67
C GLU A 93 -1.86 11.98 -17.06
N GLU A 94 -1.18 12.49 -16.07
CA GLU A 94 -0.27 13.67 -16.27
C GLU A 94 0.73 13.35 -17.39
N ALA A 95 1.06 12.08 -17.47
CA ALA A 95 1.99 11.60 -18.46
C ALA A 95 1.51 11.73 -19.87
N LEU A 96 0.23 12.00 -20.10
CA LEU A 96 -0.25 12.09 -21.49
C LEU A 96 -0.46 13.49 -22.05
N TYR A 97 -0.25 14.50 -21.23
CA TYR A 97 -0.54 15.90 -21.61
C TYR A 97 0.36 16.53 -22.64
N ALA B 1 21.83 18.34 9.43
CA ALA B 1 21.10 18.53 8.15
C ALA B 1 20.69 17.15 7.68
N SER B 2 19.72 17.11 6.78
CA SER B 2 19.37 15.84 6.13
C SER B 2 19.41 16.14 4.65
N TYR B 3 19.73 15.11 3.85
CA TYR B 3 19.87 15.26 2.42
C TYR B 3 19.07 14.31 1.59
N LYS B 4 18.74 14.73 0.37
CA LYS B 4 17.97 13.94 -0.58
C LYS B 4 18.98 13.02 -1.26
N VAL B 5 18.76 11.73 -1.08
CA VAL B 5 19.63 10.77 -1.80
C VAL B 5 18.78 9.98 -2.78
N THR B 6 19.11 10.11 -4.03
CA THR B 6 18.43 9.39 -5.13
C THR B 6 19.21 8.11 -5.36
N LEU B 7 18.52 6.99 -5.22
CA LEU B 7 19.16 5.67 -5.41
C LEU B 7 18.64 5.10 -6.75
N LYS B 8 19.56 4.92 -7.70
CA LYS B 8 19.21 4.34 -8.98
C LYS B 8 19.49 2.85 -8.82
N THR B 9 18.43 2.06 -8.75
CA THR B 9 18.52 0.62 -8.52
C THR B 9 17.92 -0.16 -9.67
N PRO B 10 18.22 -1.47 -9.75
CA PRO B 10 17.68 -2.35 -10.82
C PRO B 10 16.13 -2.41 -10.73
N ASP B 11 15.59 -1.94 -9.61
CA ASP B 11 14.11 -1.95 -9.53
C ASP B 11 13.55 -0.56 -9.68
N GLY B 12 14.32 0.41 -10.13
CA GLY B 12 13.79 1.72 -10.33
C GLY B 12 14.51 2.72 -9.47
N ASP B 13 14.16 3.98 -9.64
CA ASP B 13 14.80 5.06 -8.93
C ASP B 13 13.95 5.42 -7.69
N ASN B 14 14.59 5.55 -6.53
CA ASN B 14 13.93 5.90 -5.32
C ASN B 14 14.63 7.05 -4.64
N VAL B 15 13.89 8.09 -4.22
CA VAL B 15 14.53 9.23 -3.57
C VAL B 15 14.20 9.06 -2.10
N ILE B 16 15.20 9.13 -1.21
CA ILE B 16 14.98 9.04 0.25
C ILE B 16 15.66 10.24 0.92
N THR B 17 15.20 10.60 2.14
CA THR B 17 15.77 11.71 2.89
C THR B 17 16.63 11.09 3.93
N VAL B 18 17.93 11.42 3.90
CA VAL B 18 18.84 10.84 4.84
C VAL B 18 19.54 11.78 5.78
N PRO B 19 19.38 11.61 7.10
CA PRO B 19 20.09 12.46 8.06
C PRO B 19 21.61 12.35 7.88
N ASP B 20 22.35 13.43 8.04
CA ASP B 20 23.82 13.40 7.84
C ASP B 20 24.53 12.58 8.89
N ASP B 21 23.81 12.08 9.88
CA ASP B 21 24.40 11.24 10.87
C ASP B 21 23.87 9.82 10.87
N GLU B 22 23.24 9.45 9.75
CA GLU B 22 22.72 8.09 9.54
C GLU B 22 23.27 7.52 8.22
N TYR B 23 23.54 6.22 8.22
CA TYR B 23 24.04 5.59 6.99
C TYR B 23 22.98 5.42 5.95
N ILE B 24 23.37 5.56 4.70
CA ILE B 24 22.46 5.49 3.61
C ILE B 24 21.67 4.19 3.58
N LEU B 25 22.37 3.09 3.71
CA LEU B 25 21.67 1.81 3.69
C LEU B 25 20.61 1.67 4.80
N ASP B 26 20.92 2.18 5.98
CA ASP B 26 19.97 2.04 7.09
C ASP B 26 18.65 2.75 6.79
N VAL B 27 18.71 3.95 6.22
CA VAL B 27 17.48 4.64 5.92
C VAL B 27 16.80 3.91 4.74
N ALA B 28 17.59 3.50 3.72
CA ALA B 28 16.96 2.80 2.61
C ALA B 28 16.21 1.55 3.09
N GLU B 29 16.78 0.84 4.03
CA GLU B 29 16.15 -0.38 4.54
C GLU B 29 14.89 -0.02 5.28
N GLU B 30 14.92 1.05 6.08
CA GLU B 30 13.74 1.44 6.82
C GLU B 30 12.63 1.86 5.87
N GLN B 31 12.96 2.34 4.67
CA GLN B 31 11.90 2.76 3.75
C GLN B 31 11.48 1.67 2.77
N GLY B 32 11.79 0.44 3.13
CA GLY B 32 11.50 -0.68 2.26
C GLY B 32 12.23 -0.91 0.97
N LEU B 33 13.41 -0.33 0.75
CA LEU B 33 14.06 -0.54 -0.53
C LEU B 33 14.75 -1.87 -0.41
N ASP B 34 15.20 -2.47 -1.49
CA ASP B 34 15.82 -3.75 -1.21
C ASP B 34 17.17 -3.67 -1.70
N LEU B 35 18.04 -3.26 -0.78
CA LEU B 35 19.42 -3.08 -1.16
C LEU B 35 20.23 -4.24 -0.65
N PRO B 36 21.29 -4.57 -1.37
CA PRO B 36 22.11 -5.70 -0.88
C PRO B 36 23.03 -5.35 0.26
N TYR B 37 23.31 -6.35 1.09
CA TYR B 37 24.27 -6.19 2.17
C TYR B 37 24.52 -7.55 2.82
N SER B 38 25.64 -7.64 3.51
CA SER B 38 25.96 -8.82 4.32
C SER B 38 26.61 -8.29 5.63
N CYS B 39 27.92 -8.03 5.60
CA CYS B 39 28.60 -7.68 6.88
C CYS B 39 28.10 -6.43 7.56
N ARG B 40 27.59 -5.46 6.78
CA ARG B 40 27.14 -4.17 7.33
C ARG B 40 28.25 -3.50 8.20
N ALA B 41 29.53 -3.78 7.90
CA ALA B 41 30.60 -3.22 8.73
C ALA B 41 31.69 -2.62 7.89
N GLY B 42 31.43 -2.42 6.61
CA GLY B 42 32.37 -1.75 5.78
C GLY B 42 33.55 -2.66 5.38
N ALA B 43 33.39 -3.98 5.50
CA ALA B 43 34.50 -4.88 5.29
C ALA B 43 34.33 -5.87 4.13
N CYS B 44 33.48 -5.56 3.18
CA CYS B 44 33.23 -6.49 2.03
C CYS B 44 32.74 -5.63 0.91
N SER B 45 32.27 -6.25 -0.15
CA SER B 45 31.80 -5.47 -1.33
C SER B 45 30.30 -5.62 -1.61
N THR B 46 29.53 -6.30 -0.76
CA THR B 46 28.16 -6.68 -1.06
C THR B 46 27.25 -5.48 -1.27
N CYS B 47 27.46 -4.43 -0.48
CA CYS B 47 26.61 -3.23 -0.54
C CYS B 47 27.14 -2.13 -1.45
N ALA B 48 28.10 -2.47 -2.28
CA ALA B 48 28.72 -1.45 -3.10
C ALA B 48 27.76 -0.73 -4.02
N GLY B 49 27.92 0.61 -4.04
CA GLY B 49 27.22 1.53 -4.93
C GLY B 49 28.29 2.40 -5.60
N LYS B 50 27.83 3.37 -6.41
CA LYS B 50 28.84 4.27 -7.06
C LYS B 50 28.21 5.67 -7.20
N LEU B 51 29.01 6.71 -6.94
CA LEU B 51 28.45 8.09 -7.02
C LEU B 51 28.16 8.48 -8.45
N VAL B 52 26.97 9.12 -8.64
CA VAL B 52 26.64 9.68 -9.96
C VAL B 52 26.81 11.19 -9.91
N SER B 53 26.17 11.81 -8.94
CA SER B 53 26.10 13.28 -8.81
C SER B 53 26.07 13.72 -7.43
N GLY B 54 26.59 14.95 -7.20
CA GLY B 54 26.59 15.50 -5.87
C GLY B 54 27.93 15.22 -5.17
N PRO B 55 28.06 15.65 -3.93
CA PRO B 55 29.35 15.42 -3.21
C PRO B 55 29.45 13.94 -2.74
N ALA B 56 30.67 13.48 -2.62
CA ALA B 56 30.85 12.13 -2.10
C ALA B 56 30.41 11.91 -0.70
N PRO B 57 29.78 10.73 -0.38
CA PRO B 57 29.39 10.51 1.02
C PRO B 57 30.71 10.26 1.85
N ASP B 58 30.57 10.50 3.14
CA ASP B 58 31.61 10.30 4.14
C ASP B 58 31.71 8.76 4.33
N GLN B 59 32.92 8.25 3.94
CA GLN B 59 33.26 6.82 4.08
C GLN B 59 34.41 6.62 5.06
N SER B 60 34.51 7.50 6.05
CA SER B 60 35.51 7.34 7.11
C SER B 60 35.32 6.00 7.85
N ASP B 61 34.13 5.39 7.82
CA ASP B 61 34.00 4.08 8.47
C ASP B 61 34.16 2.88 7.52
N GLN B 62 34.55 3.11 6.27
CA GLN B 62 34.74 1.95 5.36
C GLN B 62 36.19 1.44 5.38
N SER B 63 36.39 0.15 5.06
CA SER B 63 37.79 -0.33 4.97
C SER B 63 38.08 -1.27 3.76
N PHE B 64 37.06 -1.91 3.19
CA PHE B 64 37.29 -2.87 2.15
C PHE B 64 37.72 -2.27 0.84
N LEU B 65 37.07 -1.18 0.40
CA LEU B 65 37.52 -0.64 -0.86
C LEU B 65 38.94 -0.12 -0.81
N ASP B 66 39.67 -0.31 -1.89
CA ASP B 66 40.99 0.29 -1.96
C ASP B 66 40.97 1.78 -2.22
N ASP B 67 42.04 2.47 -1.87
CA ASP B 67 42.02 3.91 -2.04
C ASP B 67 41.64 4.32 -3.42
N ASP B 68 42.15 3.65 -4.45
CA ASP B 68 41.72 4.02 -5.80
C ASP B 68 40.22 3.82 -6.05
N GLN B 69 39.65 2.76 -5.50
CA GLN B 69 38.19 2.52 -5.73
C GLN B 69 37.40 3.66 -5.08
N ILE B 70 37.81 4.10 -3.86
CA ILE B 70 37.07 5.23 -3.21
C ILE B 70 37.25 6.46 -4.08
N GLN B 71 38.49 6.67 -4.57
CA GLN B 71 38.77 7.85 -5.37
C GLN B 71 37.87 7.87 -6.61
N ALA B 72 37.66 6.69 -7.22
CA ALA B 72 36.84 6.54 -8.40
C ALA B 72 35.35 6.68 -8.13
N GLY B 73 34.93 6.69 -6.86
CA GLY B 73 33.52 6.97 -6.59
C GLY B 73 32.72 5.80 -6.05
N TYR B 74 33.37 4.64 -5.84
CA TYR B 74 32.64 3.50 -5.25
C TYR B 74 32.38 3.77 -3.79
N ILE B 75 31.26 3.21 -3.32
CA ILE B 75 30.78 3.51 -1.98
C ILE B 75 30.28 2.28 -1.33
N LEU B 76 30.66 2.04 -0.07
CA LEU B 76 30.08 0.96 0.70
C LEU B 76 28.92 1.63 1.42
N THR B 77 27.70 1.40 0.88
CA THR B 77 26.48 2.07 1.33
C THR B 77 26.10 1.76 2.77
N CYS B 78 26.58 0.63 3.31
CA CYS B 78 26.26 0.29 4.67
C CYS B 78 26.92 1.13 5.72
N VAL B 79 27.97 1.86 5.34
CA VAL B 79 28.72 2.68 6.32
C VAL B 79 28.94 4.08 5.71
N ALA B 80 28.08 4.52 4.83
CA ALA B 80 28.30 5.82 4.14
C ALA B 80 27.33 6.87 4.67
N TYR B 81 27.84 8.02 5.05
CA TYR B 81 26.91 9.10 5.52
C TYR B 81 26.78 10.11 4.37
N PRO B 82 25.57 10.60 4.06
CA PRO B 82 25.52 11.58 2.95
C PRO B 82 26.11 12.93 3.43
N THR B 83 26.79 13.65 2.55
CA THR B 83 27.33 14.95 2.92
C THR B 83 26.64 16.05 2.13
N GLY B 84 25.74 15.71 1.21
CA GLY B 84 24.96 16.69 0.42
C GLY B 84 23.93 15.95 -0.37
N ASP B 85 23.08 16.64 -1.10
CA ASP B 85 22.15 15.97 -1.91
C ASP B 85 22.95 15.23 -2.95
N CYS B 86 22.52 14.01 -3.30
CA CYS B 86 23.37 13.26 -4.25
C CYS B 86 22.64 12.09 -4.93
N VAL B 87 23.24 11.61 -5.96
CA VAL B 87 22.63 10.49 -6.73
C VAL B 87 23.66 9.36 -6.71
N ILE B 88 23.19 8.15 -6.41
CA ILE B 88 24.08 6.94 -6.28
C ILE B 88 23.47 5.78 -6.97
N GLU B 89 24.25 5.04 -7.73
CA GLU B 89 23.80 3.78 -8.39
C GLU B 89 24.06 2.66 -7.37
N THR B 90 23.11 1.75 -7.21
CA THR B 90 23.27 0.66 -6.28
C THR B 90 23.62 -0.61 -7.02
N HIS B 91 23.85 -1.69 -6.26
CA HIS B 91 24.09 -3.02 -6.82
C HIS B 91 25.29 -2.99 -7.78
N LYS B 92 26.43 -2.37 -7.36
CA LYS B 92 27.64 -2.26 -8.18
C LYS B 92 28.75 -3.27 -7.87
N GLU B 93 28.45 -4.22 -6.99
CA GLU B 93 29.51 -5.15 -6.59
C GLU B 93 30.27 -5.79 -7.79
N GLU B 94 29.52 -6.16 -8.79
CA GLU B 94 30.19 -6.74 -9.97
C GLU B 94 31.21 -5.84 -10.70
N ALA B 95 31.16 -4.48 -10.56
CA ALA B 95 32.07 -3.56 -11.26
C ALA B 95 33.48 -3.51 -10.70
N LEU B 96 33.64 -3.97 -9.46
CA LEU B 96 34.95 -3.88 -8.80
C LEU B 96 35.85 -4.98 -9.34
N TYR B 97 37.15 -4.76 -9.44
CA TYR B 97 37.96 -5.88 -10.02
C TYR B 97 39.41 -5.53 -10.26
N ALA C 1 -18.19 20.25 -3.15
CA ALA C 1 -17.79 18.78 -3.07
C ALA C 1 -17.57 18.47 -1.62
N SER C 2 -18.45 17.61 -1.07
CA SER C 2 -18.42 17.25 0.31
C SER C 2 -18.52 15.76 0.50
N TYR C 3 -17.77 15.30 1.51
CA TYR C 3 -17.65 13.91 1.81
C TYR C 3 -18.13 13.58 3.19
N LYS C 4 -18.67 12.41 3.35
CA LYS C 4 -19.13 11.95 4.67
C LYS C 4 -17.94 11.25 5.35
N VAL C 5 -17.46 11.86 6.43
CA VAL C 5 -16.35 11.29 7.24
C VAL C 5 -16.93 10.74 8.50
N THR C 6 -16.84 9.42 8.66
CA THR C 6 -17.38 8.80 9.91
C THR C 6 -16.16 8.79 10.83
N LEU C 7 -16.34 9.46 11.97
CA LEU C 7 -15.29 9.53 13.02
C LEU C 7 -15.66 8.53 14.07
N LYS C 8 -14.79 7.53 14.30
CA LYS C 8 -15.07 6.50 15.36
C LYS C 8 -14.25 7.04 16.56
N THR C 9 -14.92 7.59 17.54
CA THR C 9 -14.23 8.22 18.70
C THR C 9 -14.58 7.55 20.00
N PRO C 10 -13.88 7.88 21.11
CA PRO C 10 -14.17 7.28 22.37
C PRO C 10 -15.56 7.76 22.89
N ASP C 11 -16.16 8.78 22.27
CA ASP C 11 -17.46 9.22 22.78
C ASP C 11 -18.53 8.75 21.83
N GLY C 12 -18.16 7.86 20.94
CA GLY C 12 -19.14 7.38 19.98
C GLY C 12 -18.79 7.67 18.53
N ASP C 13 -19.62 7.18 17.62
CA ASP C 13 -19.37 7.33 16.18
C ASP C 13 -20.13 8.56 15.72
N ASN C 14 -19.49 9.41 14.93
CA ASN C 14 -20.17 10.62 14.46
C ASN C 14 -19.83 10.78 13.04
N VAL C 15 -20.86 10.92 12.19
CA VAL C 15 -20.62 11.12 10.77
C VAL C 15 -20.66 12.62 10.49
N ILE C 16 -19.55 13.20 9.97
CA ILE C 16 -19.56 14.64 9.68
C ILE C 16 -19.33 14.83 8.22
N THR C 17 -19.95 15.85 7.62
CA THR C 17 -19.78 16.16 6.22
C THR C 17 -18.69 17.23 6.14
N VAL C 18 -17.64 16.91 5.36
CA VAL C 18 -16.53 17.78 5.26
C VAL C 18 -16.26 18.18 3.82
N PRO C 19 -16.27 19.52 3.54
CA PRO C 19 -15.99 20.03 2.20
C PRO C 19 -14.55 19.58 1.80
N ASP C 20 -14.30 19.33 0.51
CA ASP C 20 -12.98 18.93 0.00
C ASP C 20 -11.87 19.99 0.28
N ASP C 21 -12.22 21.21 0.67
CA ASP C 21 -11.26 22.28 0.97
C ASP C 21 -11.20 22.68 2.44
N GLU C 22 -11.71 21.78 3.28
CA GLU C 22 -11.61 22.07 4.70
C GLU C 22 -10.94 20.90 5.39
N TYR C 23 -10.15 21.22 6.42
CA TYR C 23 -9.46 20.15 7.21
C TYR C 23 -10.52 19.40 8.07
N ILE C 24 -10.32 18.09 8.24
CA ILE C 24 -11.24 17.25 9.03
C ILE C 24 -11.36 17.79 10.41
N LEU C 25 -10.26 18.03 11.08
CA LEU C 25 -10.30 18.56 12.46
C LEU C 25 -11.16 19.86 12.60
N ASP C 26 -11.01 20.75 11.68
CA ASP C 26 -11.76 22.07 11.74
C ASP C 26 -13.28 21.82 11.75
N VAL C 27 -13.80 20.89 10.94
CA VAL C 27 -15.21 20.69 10.90
C VAL C 27 -15.62 19.94 12.13
N ALA C 28 -14.84 18.93 12.58
CA ALA C 28 -15.24 18.26 13.81
C ALA C 28 -15.29 19.25 14.97
N GLU C 29 -14.34 20.19 15.07
CA GLU C 29 -14.39 21.12 16.17
C GLU C 29 -15.58 22.08 16.07
N GLU C 30 -15.93 22.48 14.84
CA GLU C 30 -17.07 23.41 14.47
C GLU C 30 -18.28 22.72 15.11
N GLN C 31 -18.39 21.40 14.97
CA GLN C 31 -19.46 20.60 15.64
C GLN C 31 -19.29 20.18 17.11
N GLY C 32 -18.35 20.77 17.82
CA GLY C 32 -18.14 20.48 19.22
C GLY C 32 -17.73 19.04 19.52
N LEU C 33 -17.21 18.31 18.55
CA LEU C 33 -16.74 16.96 18.85
C LEU C 33 -15.50 17.15 19.66
N ASP C 34 -15.07 16.12 20.32
CA ASP C 34 -13.95 16.45 21.10
C ASP C 34 -12.77 15.73 20.49
N LEU C 35 -12.00 16.42 19.60
CA LEU C 35 -10.82 15.75 19.03
C LEU C 35 -9.58 16.44 19.53
N PRO C 36 -8.56 15.61 19.77
CA PRO C 36 -7.28 16.17 20.28
C PRO C 36 -6.43 16.93 19.25
N TYR C 37 -5.68 17.94 19.75
CA TYR C 37 -4.72 18.62 18.90
C TYR C 37 -3.83 19.46 19.77
N SER C 38 -2.70 19.86 19.24
CA SER C 38 -1.83 20.77 19.96
C SER C 38 -1.30 21.76 18.94
N CYS C 39 -0.26 21.37 18.16
CA CYS C 39 0.34 22.35 17.29
C CYS C 39 -0.52 22.83 16.13
N ARG C 40 -1.48 22.00 15.65
CA ARG C 40 -2.37 22.35 14.56
C ARG C 40 -1.61 22.78 13.31
N ALA C 41 -0.37 22.18 13.18
CA ALA C 41 0.45 22.55 12.04
C ALA C 41 1.18 21.38 11.35
N GLY C 42 0.68 20.17 11.58
CA GLY C 42 1.25 18.99 10.92
C GLY C 42 2.56 18.50 11.45
N ALA C 43 3.01 19.03 12.57
CA ALA C 43 4.36 18.73 13.06
C ALA C 43 4.49 17.96 14.36
N CYS C 44 3.43 17.27 14.75
CA CYS C 44 3.39 16.47 15.91
C CYS C 44 2.43 15.31 15.69
N SER C 45 2.04 14.60 16.72
CA SER C 45 1.13 13.47 16.53
C SER C 45 -0.12 13.56 17.41
N THR C 46 -0.36 14.74 18.02
CA THR C 46 -1.44 14.82 18.94
C THR C 46 -2.77 14.54 18.30
N CYS C 47 -2.97 14.98 17.09
CA CYS C 47 -4.28 14.84 16.41
C CYS C 47 -4.38 13.58 15.55
N ALA C 48 -3.43 12.65 15.72
CA ALA C 48 -3.45 11.46 14.92
C ALA C 48 -4.79 10.67 14.90
N GLY C 49 -5.13 10.21 13.71
CA GLY C 49 -6.28 9.34 13.50
C GLY C 49 -5.78 8.19 12.59
N LYS C 50 -6.64 7.22 12.32
CA LYS C 50 -6.18 6.12 11.37
C LYS C 50 -7.36 5.79 10.49
N LEU C 51 -7.06 5.71 9.24
CA LEU C 51 -8.05 5.39 8.26
C LEU C 51 -8.44 3.93 8.40
N VAL C 52 -9.76 3.71 8.44
CA VAL C 52 -10.37 2.36 8.52
C VAL C 52 -10.79 1.91 7.13
N SER C 53 -11.49 2.75 6.37
CA SER C 53 -11.93 2.39 5.01
C SER C 53 -12.14 3.67 4.26
N GLY C 54 -12.21 3.58 2.92
CA GLY C 54 -12.41 4.75 2.12
C GLY C 54 -11.12 5.30 1.63
N PRO C 55 -11.11 6.27 0.71
CA PRO C 55 -9.97 6.96 0.09
C PRO C 55 -9.09 7.75 1.14
N ALA C 56 -7.76 7.64 1.03
CA ALA C 56 -6.81 8.34 1.93
C ALA C 56 -6.96 9.83 1.82
N PRO C 57 -7.04 10.53 2.96
CA PRO C 57 -7.17 12.00 2.91
C PRO C 57 -5.88 12.58 2.29
N ASP C 58 -5.97 13.83 1.85
CA ASP C 58 -4.84 14.57 1.32
C ASP C 58 -4.22 15.26 2.58
N GLN C 59 -3.06 14.81 3.04
CA GLN C 59 -2.45 15.52 4.19
C GLN C 59 -1.03 15.97 3.73
N SER C 60 -0.96 16.50 2.52
CA SER C 60 0.32 16.98 1.98
C SER C 60 0.99 18.07 2.91
N ASP C 61 0.22 18.80 3.74
CA ASP C 61 0.74 19.86 4.67
C ASP C 61 1.45 19.17 5.89
N GLN C 62 1.24 17.87 6.10
CA GLN C 62 1.82 17.16 7.25
C GLN C 62 3.31 16.87 7.12
N SER C 63 4.00 16.81 8.25
CA SER C 63 5.44 16.51 8.18
C SER C 63 5.94 15.60 9.23
N PHE C 64 5.16 15.29 10.23
CA PHE C 64 5.63 14.41 11.30
C PHE C 64 5.57 12.91 11.02
N LEU C 65 4.58 12.45 10.26
CA LEU C 65 4.48 11.02 10.01
C LEU C 65 5.47 10.62 8.91
N ASP C 66 6.01 9.40 9.03
CA ASP C 66 6.90 8.89 7.97
C ASP C 66 6.00 8.09 7.01
N ASP C 67 6.58 7.62 5.90
CA ASP C 67 5.77 6.90 4.91
C ASP C 67 5.10 5.63 5.29
N ASP C 68 5.70 4.82 6.18
CA ASP C 68 5.01 3.59 6.51
C ASP C 68 3.81 3.88 7.32
N GLN C 69 3.91 4.92 8.17
CA GLN C 69 2.81 5.32 9.03
C GLN C 69 1.69 5.79 8.14
N ILE C 70 2.01 6.55 7.12
CA ILE C 70 1.01 6.99 6.13
C ILE C 70 0.39 5.75 5.39
N GLN C 71 1.23 4.84 4.91
CA GLN C 71 0.70 3.66 4.24
C GLN C 71 -0.18 2.84 5.11
N ALA C 72 0.22 2.78 6.39
CA ALA C 72 -0.50 2.04 7.39
C ALA C 72 -1.79 2.76 7.65
N GLY C 73 -1.95 3.97 7.06
CA GLY C 73 -3.21 4.75 7.17
C GLY C 73 -3.30 5.81 8.30
N TYR C 74 -2.20 6.13 8.93
CA TYR C 74 -2.27 7.15 10.03
C TYR C 74 -2.42 8.53 9.36
N ILE C 75 -3.16 9.42 10.06
CA ILE C 75 -3.47 10.70 9.44
C ILE C 75 -3.30 11.84 10.51
N LEU C 76 -2.75 12.96 10.12
CA LEU C 76 -2.77 14.09 11.06
C LEU C 76 -4.01 14.92 10.70
N THR C 77 -5.07 14.69 11.48
CA THR C 77 -6.35 15.31 11.21
C THR C 77 -6.34 16.80 11.16
N CYS C 78 -5.38 17.46 11.82
CA CYS C 78 -5.39 18.95 11.78
C CYS C 78 -5.05 19.54 10.42
N VAL C 79 -4.45 18.77 9.50
CA VAL C 79 -4.05 19.26 8.19
C VAL C 79 -4.50 18.28 7.08
N ALA C 80 -5.52 17.48 7.37
CA ALA C 80 -5.99 16.50 6.40
C ALA C 80 -7.31 16.94 5.75
N TYR C 81 -7.31 16.89 4.41
CA TYR C 81 -8.52 17.21 3.68
C TYR C 81 -9.08 15.88 3.18
N PRO C 82 -10.40 15.72 3.18
CA PRO C 82 -11.01 14.48 2.71
C PRO C 82 -10.96 14.39 1.18
N THR C 83 -10.86 13.16 0.72
CA THR C 83 -10.87 12.97 -0.75
C THR C 83 -12.00 12.00 -1.19
N GLY C 84 -12.72 11.43 -0.24
CA GLY C 84 -13.85 10.57 -0.47
C GLY C 84 -14.55 10.26 0.83
N ASP C 85 -15.71 9.64 0.77
CA ASP C 85 -16.41 9.24 1.97
C ASP C 85 -15.46 8.25 2.66
N CYS C 86 -15.35 8.30 3.98
CA CYS C 86 -14.36 7.43 4.64
C CYS C 86 -14.64 7.27 6.13
N VAL C 87 -13.97 6.34 6.80
CA VAL C 87 -14.12 6.03 8.23
C VAL C 87 -12.76 6.15 8.83
N ILE C 88 -12.70 6.90 9.90
CA ILE C 88 -11.41 7.19 10.61
C ILE C 88 -11.58 7.02 12.09
N GLU C 89 -10.68 6.22 12.69
CA GLU C 89 -10.63 6.06 14.16
C GLU C 89 -9.82 7.29 14.67
N THR C 90 -10.32 7.95 15.70
CA THR C 90 -9.64 9.12 16.16
C THR C 90 -8.91 8.77 17.47
N HIS C 91 -8.24 9.76 18.02
CA HIS C 91 -7.51 9.62 19.29
C HIS C 91 -6.52 8.47 19.20
N LYS C 92 -5.72 8.46 18.14
CA LYS C 92 -4.74 7.33 17.82
C LYS C 92 -3.34 7.65 18.12
N GLU C 93 -3.09 8.72 18.85
CA GLU C 93 -1.69 9.00 19.06
C GLU C 93 -0.85 7.89 19.79
N GLU C 94 -1.38 7.24 20.85
CA GLU C 94 -0.65 6.19 21.63
C GLU C 94 -0.10 5.07 20.60
N ALA C 95 -0.66 5.00 19.38
CA ALA C 95 -0.17 3.98 18.42
C ALA C 95 1.08 4.24 17.54
N LEU C 96 1.44 5.49 17.37
CA LEU C 96 2.56 5.84 16.49
C LEU C 96 3.87 5.17 16.96
N TYR C 97 4.50 4.44 16.05
CA TYR C 97 5.71 3.73 16.38
C TYR C 97 6.94 4.41 15.83
N ALA D 1 -22.41 -26.45 17.17
CA ALA D 1 -22.80 -25.04 17.44
C ALA D 1 -22.60 -24.24 16.18
N SER D 2 -23.19 -23.07 16.26
CA SER D 2 -23.02 -22.05 15.22
C SER D 2 -22.38 -20.86 15.90
N TYR D 3 -21.55 -20.11 15.12
CA TYR D 3 -20.89 -18.96 15.66
C TYR D 3 -21.10 -17.66 14.92
N LYS D 4 -21.00 -16.54 15.60
CA LYS D 4 -21.10 -15.23 14.96
C LYS D 4 -19.72 -14.93 14.31
N VAL D 5 -19.74 -14.62 13.00
CA VAL D 5 -18.51 -14.24 12.29
C VAL D 5 -18.71 -12.83 11.78
N THR D 6 -17.93 -11.88 12.20
CA THR D 6 -18.01 -10.52 11.71
C THR D 6 -16.90 -10.35 10.69
N LEU D 7 -17.32 -10.04 9.45
CA LEU D 7 -16.40 -9.86 8.33
C LEU D 7 -16.20 -8.36 8.17
N LYS D 8 -14.95 -7.91 8.34
CA LYS D 8 -14.66 -6.46 8.19
C LYS D 8 -14.14 -6.24 6.76
N THR D 9 -14.99 -5.70 5.89
CA THR D 9 -14.61 -5.58 4.45
C THR D 9 -14.31 -4.12 4.16
N PRO D 10 -13.78 -3.84 2.95
CA PRO D 10 -13.46 -2.46 2.59
C PRO D 10 -14.67 -1.60 2.42
N ASP D 11 -15.83 -2.23 2.40
CA ASP D 11 -17.12 -1.55 2.33
C ASP D 11 -17.97 -1.58 3.57
N GLY D 12 -17.39 -2.00 4.68
CA GLY D 12 -18.11 -2.10 5.93
C GLY D 12 -18.08 -3.48 6.56
N ASP D 13 -18.73 -3.58 7.73
CA ASP D 13 -18.74 -4.80 8.53
C ASP D 13 -20.02 -5.54 8.26
N ASN D 14 -19.92 -6.85 8.15
CA ASN D 14 -21.12 -7.67 7.90
C ASN D 14 -21.08 -8.84 8.90
N VAL D 15 -22.13 -9.12 9.64
CA VAL D 15 -22.17 -10.22 10.61
C VAL D 15 -22.99 -11.37 10.07
N ILE D 16 -22.43 -12.55 10.07
CA ILE D 16 -23.13 -13.72 9.62
C ILE D 16 -23.01 -14.78 10.71
N THR D 17 -23.92 -15.81 10.69
CA THR D 17 -23.93 -16.90 11.61
C THR D 17 -23.52 -18.13 10.82
N VAL D 18 -22.44 -18.79 11.27
CA VAL D 18 -21.84 -19.89 10.60
C VAL D 18 -21.75 -21.16 11.39
N PRO D 19 -22.42 -22.24 10.92
CA PRO D 19 -22.34 -23.53 11.64
C PRO D 19 -20.86 -23.95 11.77
N ASP D 20 -20.50 -24.68 12.83
CA ASP D 20 -19.12 -25.10 13.04
C ASP D 20 -18.64 -26.16 12.04
N ASP D 21 -19.51 -26.63 11.11
CA ASP D 21 -19.19 -27.65 10.12
C ASP D 21 -19.44 -27.17 8.74
N GLU D 22 -19.52 -25.83 8.63
CA GLU D 22 -19.60 -25.20 7.31
C GLU D 22 -18.44 -24.17 7.18
N TYR D 23 -18.06 -23.95 5.93
CA TYR D 23 -16.99 -22.99 5.64
C TYR D 23 -17.55 -21.58 5.63
N ILE D 24 -16.74 -20.64 6.19
CA ILE D 24 -17.06 -19.23 6.22
C ILE D 24 -17.44 -18.64 4.86
N LEU D 25 -16.67 -18.91 3.80
CA LEU D 25 -17.08 -18.29 2.53
C LEU D 25 -18.44 -18.81 2.00
N ASP D 26 -18.67 -20.11 2.18
CA ASP D 26 -19.95 -20.70 1.73
C ASP D 26 -21.09 -19.99 2.40
N VAL D 27 -21.08 -19.79 3.70
CA VAL D 27 -22.16 -19.09 4.34
C VAL D 27 -22.24 -17.63 3.93
N ALA D 28 -21.10 -16.93 3.82
CA ALA D 28 -21.14 -15.57 3.37
C ALA D 28 -21.86 -15.42 1.99
N GLU D 29 -21.64 -16.38 1.10
CA GLU D 29 -22.24 -16.32 -0.21
C GLU D 29 -23.75 -16.62 -0.06
N GLU D 30 -24.13 -17.59 0.76
CA GLU D 30 -25.54 -17.83 0.96
C GLU D 30 -26.24 -16.62 1.51
N GLN D 31 -25.53 -15.75 2.23
CA GLN D 31 -26.13 -14.56 2.87
C GLN D 31 -25.97 -13.30 2.05
N GLY D 32 -25.59 -13.47 0.81
CA GLY D 32 -25.60 -12.32 -0.05
C GLY D 32 -24.37 -11.47 -0.15
N LEU D 33 -23.31 -11.87 0.53
CA LEU D 33 -22.13 -11.11 0.50
C LEU D 33 -21.33 -11.49 -0.71
N ASP D 34 -20.51 -10.58 -1.14
CA ASP D 34 -19.66 -10.82 -2.35
C ASP D 34 -18.19 -10.75 -1.87
N LEU D 35 -17.69 -11.88 -1.47
CA LEU D 35 -16.26 -11.94 -0.94
C LEU D 35 -15.44 -12.52 -2.09
N PRO D 36 -14.15 -12.23 -2.12
CA PRO D 36 -13.33 -12.76 -3.21
C PRO D 36 -12.98 -14.24 -3.10
N TYR D 37 -12.85 -14.88 -4.25
CA TYR D 37 -12.37 -16.25 -4.30
C TYR D 37 -11.96 -16.66 -5.69
N SER D 38 -11.21 -17.76 -5.74
CA SER D 38 -10.85 -18.31 -7.05
C SER D 38 -10.99 -19.88 -6.97
N CYS D 39 -10.05 -20.58 -6.37
CA CYS D 39 -10.05 -22.05 -6.35
C CYS D 39 -11.04 -22.77 -5.50
N ARG D 40 -11.50 -22.07 -4.42
CA ARG D 40 -12.36 -22.60 -3.35
C ARG D 40 -11.86 -23.94 -2.87
N ALA D 41 -10.58 -24.16 -2.81
CA ALA D 41 -10.00 -25.43 -2.41
C ALA D 41 -8.82 -25.29 -1.47
N GLY D 42 -8.61 -24.07 -0.97
CA GLY D 42 -7.52 -23.87 -0.02
C GLY D 42 -6.14 -23.89 -0.62
N ALA D 43 -6.08 -23.68 -1.95
CA ALA D 43 -4.81 -23.76 -2.72
C ALA D 43 -4.42 -22.47 -3.45
N CYS D 44 -4.90 -21.28 -3.02
CA CYS D 44 -4.54 -20.00 -3.64
C CYS D 44 -4.66 -18.90 -2.59
N SER D 45 -4.38 -17.70 -2.97
CA SER D 45 -4.39 -16.55 -2.04
C SER D 45 -5.61 -15.69 -2.19
N THR D 46 -6.56 -16.01 -3.11
CA THR D 46 -7.59 -15.04 -3.44
C THR D 46 -8.64 -14.72 -2.30
N CYS D 47 -8.95 -15.75 -1.53
CA CYS D 47 -9.97 -15.53 -0.48
C CYS D 47 -9.36 -15.15 0.88
N ALA D 48 -8.11 -14.78 0.95
CA ALA D 48 -7.49 -14.50 2.19
C ALA D 48 -8.16 -13.43 3.04
N GLY D 49 -8.12 -13.76 4.34
CA GLY D 49 -8.56 -12.85 5.37
C GLY D 49 -7.54 -12.92 6.50
N LYS D 50 -7.74 -12.13 7.54
CA LYS D 50 -6.85 -12.16 8.71
C LYS D 50 -7.64 -12.05 10.02
N LEU D 51 -7.31 -12.88 10.97
CA LEU D 51 -8.08 -12.82 12.25
C LEU D 51 -7.84 -11.53 12.96
N VAL D 52 -8.93 -10.94 13.47
CA VAL D 52 -8.91 -9.74 14.26
C VAL D 52 -9.14 -10.10 15.75
N SER D 53 -10.17 -10.92 16.04
CA SER D 53 -10.47 -11.27 17.48
C SER D 53 -11.23 -12.57 17.49
N GLY D 54 -11.26 -13.22 18.66
CA GLY D 54 -11.85 -14.53 18.76
C GLY D 54 -10.90 -15.64 18.47
N PRO D 55 -11.29 -16.87 18.59
CA PRO D 55 -10.38 -18.00 18.31
C PRO D 55 -10.09 -18.23 16.89
N ALA D 56 -8.94 -18.79 16.62
CA ALA D 56 -8.62 -19.09 15.23
C ALA D 56 -9.54 -20.09 14.59
N PRO D 57 -9.92 -19.90 13.33
CA PRO D 57 -10.76 -20.90 12.67
C PRO D 57 -9.94 -22.17 12.41
N ASP D 58 -10.65 -23.29 12.20
CA ASP D 58 -9.98 -24.57 11.85
C ASP D 58 -9.69 -24.51 10.37
N GLN D 59 -8.34 -24.59 10.12
CA GLN D 59 -7.83 -24.59 8.77
C GLN D 59 -7.15 -25.91 8.39
N SER D 60 -7.62 -26.99 8.98
CA SER D 60 -7.09 -28.32 8.63
C SER D 60 -7.26 -28.64 7.16
N ASP D 61 -8.16 -27.98 6.43
CA ASP D 61 -8.33 -28.25 4.95
C ASP D 61 -7.52 -27.32 4.07
N GLN D 62 -6.72 -26.41 4.62
CA GLN D 62 -5.99 -25.52 3.77
C GLN D 62 -4.63 -26.03 3.41
N SER D 63 -4.09 -25.49 2.31
CA SER D 63 -2.70 -25.84 2.02
C SER D 63 -1.79 -24.70 1.54
N PHE D 64 -2.37 -23.64 0.95
CA PHE D 64 -1.56 -22.58 0.39
C PHE D 64 -0.74 -21.73 1.34
N LEU D 65 -1.30 -21.42 2.52
CA LEU D 65 -0.54 -20.59 3.48
C LEU D 65 0.57 -21.40 4.13
N ASP D 66 1.71 -20.75 4.37
CA ASP D 66 2.74 -21.42 5.10
C ASP D 66 2.43 -21.43 6.61
N ASP D 67 3.12 -22.26 7.36
CA ASP D 67 2.81 -22.40 8.76
C ASP D 67 2.99 -21.06 9.48
N ASP D 68 3.99 -20.24 9.11
CA ASP D 68 4.11 -18.96 9.81
C ASP D 68 2.96 -18.02 9.54
N GLN D 69 2.39 -18.13 8.32
CA GLN D 69 1.21 -17.30 7.91
C GLN D 69 0.01 -17.73 8.72
N ILE D 70 -0.15 -19.00 8.97
CA ILE D 70 -1.32 -19.44 9.79
C ILE D 70 -1.14 -18.96 11.18
N GLN D 71 0.10 -19.06 11.72
CA GLN D 71 0.29 -18.56 13.04
C GLN D 71 0.10 -17.07 13.17
N ALA D 72 0.42 -16.32 12.11
CA ALA D 72 0.25 -14.86 12.10
C ALA D 72 -1.23 -14.45 11.97
N GLY D 73 -2.13 -15.43 11.67
CA GLY D 73 -3.55 -15.03 11.65
C GLY D 73 -4.19 -15.01 10.27
N TYR D 74 -3.40 -15.31 9.21
CA TYR D 74 -4.06 -15.38 7.94
C TYR D 74 -4.95 -16.61 7.81
N ILE D 75 -6.02 -16.41 7.03
CA ILE D 75 -7.05 -17.44 6.91
C ILE D 75 -7.52 -17.55 5.49
N LEU D 76 -7.61 -18.80 5.05
CA LEU D 76 -8.23 -18.99 3.70
C LEU D 76 -9.76 -19.27 3.98
N THR D 77 -10.52 -18.21 3.79
CA THR D 77 -11.95 -18.25 4.15
C THR D 77 -12.71 -19.29 3.39
N CYS D 78 -12.25 -19.71 2.21
CA CYS D 78 -13.04 -20.72 1.52
C CYS D 78 -13.04 -22.13 2.17
N VAL D 79 -12.08 -22.43 3.06
CA VAL D 79 -12.01 -23.74 3.68
C VAL D 79 -11.85 -23.65 5.17
N ALA D 80 -12.26 -22.54 5.76
CA ALA D 80 -12.08 -22.37 7.19
C ALA D 80 -13.43 -22.60 7.91
N TYR D 81 -13.34 -23.37 8.98
CA TYR D 81 -14.59 -23.56 9.82
C TYR D 81 -14.40 -22.70 11.06
N PRO D 82 -15.39 -21.96 11.50
CA PRO D 82 -15.24 -21.17 12.70
C PRO D 82 -15.21 -22.08 13.95
N THR D 83 -14.40 -21.71 14.94
CA THR D 83 -14.36 -22.49 16.16
C THR D 83 -14.91 -21.69 17.34
N GLY D 84 -15.31 -20.44 17.09
CA GLY D 84 -15.88 -19.60 18.11
C GLY D 84 -16.37 -18.32 17.51
N ASP D 85 -17.11 -17.48 18.22
CA ASP D 85 -17.47 -16.21 17.64
C ASP D 85 -16.14 -15.51 17.33
N CYS D 86 -16.08 -14.89 16.14
CA CYS D 86 -14.82 -14.24 15.78
C CYS D 86 -14.96 -13.13 14.80
N VAL D 87 -13.91 -12.34 14.64
CA VAL D 87 -13.97 -11.18 13.76
C VAL D 87 -12.75 -11.36 12.82
N ILE D 88 -13.06 -11.22 11.52
CA ILE D 88 -12.03 -11.45 10.48
C ILE D 88 -12.06 -10.32 9.48
N GLU D 89 -10.87 -9.79 9.11
CA GLU D 89 -10.77 -8.77 8.07
C GLU D 89 -10.61 -9.53 6.71
N THR D 90 -11.45 -9.15 5.73
CA THR D 90 -11.42 -9.79 4.42
C THR D 90 -10.59 -8.98 3.44
N HIS D 91 -10.57 -9.58 2.25
CA HIS D 91 -9.90 -8.94 1.07
C HIS D 91 -8.45 -8.69 1.41
N LYS D 92 -7.76 -9.71 1.96
CA LYS D 92 -6.34 -9.56 2.39
C LYS D 92 -5.37 -10.24 1.41
N GLU D 93 -5.81 -10.62 0.19
CA GLU D 93 -4.87 -11.23 -0.78
C GLU D 93 -3.65 -10.36 -0.95
N GLU D 94 -3.82 -9.04 -1.13
CA GLU D 94 -2.61 -8.24 -1.37
C GLU D 94 -1.54 -8.38 -0.30
N ALA D 95 -1.96 -8.64 0.96
CA ALA D 95 -0.98 -8.76 2.01
C ALA D 95 -0.12 -10.00 1.93
N LEU D 96 -0.43 -10.99 1.10
CA LEU D 96 0.37 -12.23 0.97
C LEU D 96 1.46 -12.06 -0.09
N TYR D 97 1.56 -10.82 -0.60
CA TYR D 97 2.57 -10.49 -1.63
C TYR D 97 3.27 -9.23 -1.08
#